data_1EZX
#
_entry.id   1EZX
#
_cell.length_a   63.234
_cell.length_b   171.295
_cell.length_c   145.780
_cell.angle_alpha   90.00
_cell.angle_beta   90.00
_cell.angle_gamma   90.00
#
_symmetry.space_group_name_H-M   'C 2 2 21'
#
loop_
_entity.id
_entity.type
_entity.pdbx_description
1 polymer ALPHA-1-ANTITRYPSIN
2 polymer ALPHA-1-ANTITRYPSIN
3 polymer TRYPSIN
4 water water
#
loop_
_entity_poly.entity_id
_entity_poly.type
_entity_poly.pdbx_seq_one_letter_code
_entity_poly.pdbx_strand_id
1 'polypeptide(L)'
;NKITPNLAEFAFSLYRQLAHQSNSTNIFFSPVSIATAFAMLSLGTKADTHDEILEGLNFNLTEIPEAQIHEGFQELLRTL
NQPDSQLQLTTGNGLFLSEGLKLVDKFLEDVKKLYHSEAFTVNFGDTEEAKKQINDYVEKGTQGKIVDLVKELDRDTVFA
LVNYIFFKGKWERPFEVKDTEEEDFHVDQVTTVKVPMMKRLGMFNIQHCKKLSSWVLLMKYLGNATAIFFLPDEGKLQHL
ENELTHDIITKFLENEDRRSASLHLPKLSITGTYDLKSVLGQLGITKVFSNGADLSGVTEEAPLKLSKAVHKAVLTIDEK
GTEAAGAMFLEAIPM
;
A
2 'polypeptide(L)' SIPPEVKFNKPFVFLMIEQNTKSPLFMGKVVNPTQK B
3 'polypeptide(L)'
;FIFLALLGAAVAFPVDDDDKIVGGYTCGANTVPYQVSLNSGYHFCGGSLINSQWVVSAAHCYKSGIQVRLGEDNINVVEG
NEQFISASKSIVHPSYNSNTLNNDIMLIKLKSAASLNSRVASISLPTSCASAGTQCLISGWGNTKSSGTSYPDVLKCLKA
PILSDSSCKSAYPGQITSNMFCAGYLEGGKDSCQGDSGGPVVCSGKLQGIVSWGSGCAQKNKPGVYTKVCNYVSWIKQTI
ASN
;
C
#
# COMPACT_ATOMS: atom_id res chain seq x y z
N ASN A 1 21.89 -0.97 -8.26
CA ASN A 1 22.39 0.42 -8.28
C ASN A 1 21.64 1.32 -9.24
N LYS A 2 20.33 1.36 -9.09
CA LYS A 2 19.48 2.22 -9.91
C LYS A 2 18.04 1.93 -9.55
N ILE A 3 17.08 2.42 -10.34
CA ILE A 3 15.67 2.29 -9.98
C ILE A 3 15.58 2.99 -8.61
N THR A 4 16.76 3.33 -8.08
CA THR A 4 16.90 4.00 -6.81
C THR A 4 16.27 5.37 -6.90
N PRO A 5 16.56 6.13 -7.97
CA PRO A 5 15.93 7.45 -8.06
C PRO A 5 14.40 7.37 -8.01
N ASN A 6 13.83 6.27 -8.48
CA ASN A 6 12.38 6.10 -8.43
C ASN A 6 11.94 5.84 -6.97
N LEU A 7 12.70 5.02 -6.27
CA LEU A 7 12.39 4.70 -4.87
C LEU A 7 12.48 5.96 -4.02
N ALA A 8 13.49 6.78 -4.29
CA ALA A 8 13.66 8.01 -3.55
C ALA A 8 12.43 8.91 -3.81
N GLU A 9 12.06 9.10 -5.07
CA GLU A 9 10.90 9.92 -5.35
C GLU A 9 9.63 9.28 -4.80
N PHE A 10 9.61 7.97 -4.66
CA PHE A 10 8.43 7.32 -4.10
C PHE A 10 8.38 7.66 -2.62
N ALA A 11 9.54 7.62 -1.96
CA ALA A 11 9.60 7.95 -0.54
C ALA A 11 9.02 9.35 -0.29
N PHE A 12 9.42 10.33 -1.11
CA PHE A 12 8.93 11.69 -0.94
C PHE A 12 7.45 11.85 -1.27
N SER A 13 6.99 11.17 -2.30
CA SER A 13 5.59 11.26 -2.67
C SER A 13 4.74 10.75 -1.53
N LEU A 14 5.00 9.53 -1.07
CA LEU A 14 4.24 8.96 0.04
C LEU A 14 4.35 9.83 1.31
N TYR A 15 5.54 10.36 1.56
CA TYR A 15 5.74 11.20 2.72
C TYR A 15 4.80 12.39 2.70
N ARG A 16 4.70 13.06 1.55
CA ARG A 16 3.85 14.23 1.44
C ARG A 16 2.38 13.90 1.67
N GLN A 17 1.98 12.67 1.34
CA GLN A 17 0.59 12.26 1.56
C GLN A 17 0.36 12.04 3.05
N LEU A 18 1.28 11.34 3.71
CA LEU A 18 1.17 11.08 5.15
C LEU A 18 1.23 12.38 5.94
N ALA A 19 1.99 13.35 5.43
CA ALA A 19 2.13 14.65 6.09
C ALA A 19 0.86 15.48 5.95
N HIS A 20 0.23 15.38 4.78
CA HIS A 20 -1.01 16.11 4.52
C HIS A 20 -2.13 15.53 5.38
N GLN A 21 -2.07 14.22 5.60
CA GLN A 21 -3.04 13.50 6.40
C GLN A 21 -3.04 14.04 7.84
N SER A 22 -1.85 14.23 8.40
CA SER A 22 -1.72 14.76 9.76
C SER A 22 -0.38 15.49 9.98
N ASN A 23 -0.47 16.70 10.51
CA ASN A 23 0.72 17.52 10.76
C ASN A 23 1.08 17.61 12.24
N SER A 24 0.42 16.81 13.06
CA SER A 24 0.70 16.86 14.49
C SER A 24 1.07 15.48 15.05
N THR A 25 1.38 14.55 14.15
CA THR A 25 1.74 13.19 14.55
C THR A 25 3.11 12.81 13.99
N ASN A 26 3.87 12.00 14.74
CA ASN A 26 5.18 11.54 14.27
C ASN A 26 4.96 10.68 13.03
N ILE A 27 5.95 10.61 12.15
CA ILE A 27 5.82 9.81 10.95
C ILE A 27 7.03 8.89 10.76
N PHE A 28 6.80 7.59 10.64
CA PHE A 28 7.90 6.67 10.42
C PHE A 28 7.50 5.51 9.53
N PHE A 29 8.08 5.43 8.34
CA PHE A 29 7.77 4.33 7.41
C PHE A 29 9.00 3.91 6.64
N SER A 30 8.89 2.80 5.94
CA SER A 30 9.98 2.28 5.14
C SER A 30 9.58 2.17 3.65
N PRO A 31 10.15 3.03 2.78
CA PRO A 31 9.84 3.01 1.35
C PRO A 31 10.14 1.66 0.70
N VAL A 32 11.36 1.16 0.92
CA VAL A 32 11.79 -0.12 0.36
C VAL A 32 10.81 -1.25 0.62
N SER A 33 10.22 -1.26 1.81
CA SER A 33 9.28 -2.29 2.23
C SER A 33 7.94 -2.18 1.49
N ILE A 34 7.35 -0.99 1.49
CA ILE A 34 6.07 -0.76 0.83
C ILE A 34 6.24 -0.98 -0.68
N ALA A 35 7.31 -0.39 -1.22
CA ALA A 35 7.57 -0.49 -2.64
C ALA A 35 7.74 -1.93 -3.12
N THR A 36 8.49 -2.76 -2.40
CA THR A 36 8.66 -4.13 -2.89
C THR A 36 7.40 -4.99 -2.75
N ALA A 37 6.59 -4.76 -1.72
CA ALA A 37 5.38 -5.56 -1.59
C ALA A 37 4.50 -5.29 -2.81
N PHE A 38 4.36 -4.03 -3.19
CA PHE A 38 3.52 -3.69 -4.33
C PHE A 38 4.16 -4.09 -5.66
N ALA A 39 5.48 -3.99 -5.74
CA ALA A 39 6.18 -4.37 -6.96
C ALA A 39 5.99 -5.87 -7.19
N MET A 40 6.15 -6.64 -6.12
CA MET A 40 6.01 -8.08 -6.18
C MET A 40 4.58 -8.45 -6.61
N LEU A 41 3.59 -7.71 -6.10
CA LEU A 41 2.21 -7.99 -6.43
C LEU A 41 1.89 -7.67 -7.90
N SER A 42 2.59 -6.70 -8.48
CA SER A 42 2.32 -6.34 -9.87
C SER A 42 2.69 -7.50 -10.82
N LEU A 43 3.47 -8.44 -10.30
CA LEU A 43 3.89 -9.61 -11.06
C LEU A 43 2.69 -10.44 -11.54
N GLY A 44 1.69 -10.59 -10.67
CA GLY A 44 0.51 -11.37 -11.05
C GLY A 44 -0.65 -10.47 -11.38
N THR A 45 -0.34 -9.24 -11.75
CA THR A 45 -1.38 -8.26 -12.06
C THR A 45 -1.38 -7.93 -13.56
N LYS A 46 -2.56 -7.63 -14.11
CA LYS A 46 -2.66 -7.34 -15.54
C LYS A 46 -3.21 -5.98 -15.87
N ALA A 47 -3.08 -5.62 -17.14
CA ALA A 47 -3.62 -4.37 -17.67
C ALA A 47 -3.35 -3.11 -16.84
N ASP A 48 -4.39 -2.33 -16.59
CA ASP A 48 -4.25 -1.09 -15.85
C ASP A 48 -4.14 -1.14 -14.35
N THR A 49 -4.53 -2.26 -13.74
CA THR A 49 -4.38 -2.36 -12.30
C THR A 49 -2.86 -2.47 -12.12
N HIS A 50 -2.23 -3.03 -13.14
CA HIS A 50 -0.79 -3.21 -13.21
C HIS A 50 -0.06 -1.88 -13.38
N ASP A 51 -0.44 -1.11 -14.40
CA ASP A 51 0.21 0.18 -14.66
C ASP A 51 0.03 1.19 -13.53
N GLU A 52 -1.16 1.24 -12.94
CA GLU A 52 -1.40 2.16 -11.85
C GLU A 52 -0.37 1.90 -10.74
N ILE A 53 -0.20 0.63 -10.37
CA ILE A 53 0.74 0.24 -9.33
C ILE A 53 2.17 0.70 -9.61
N LEU A 54 2.71 0.31 -10.76
CA LEU A 54 4.07 0.69 -11.10
C LEU A 54 4.28 2.18 -11.29
N GLU A 55 3.25 2.89 -11.77
CA GLU A 55 3.38 4.33 -11.94
C GLU A 55 3.17 4.97 -10.57
N GLY A 56 2.51 4.24 -9.69
CA GLY A 56 2.25 4.71 -8.35
C GLY A 56 3.53 4.61 -7.51
N LEU A 57 4.50 3.90 -8.05
CA LEU A 57 5.79 3.74 -7.38
C LEU A 57 6.80 4.64 -8.10
N ASN A 58 6.28 5.59 -8.88
CA ASN A 58 7.09 6.56 -9.63
C ASN A 58 7.92 6.03 -10.79
N PHE A 59 7.41 5.03 -11.50
CA PHE A 59 8.12 4.48 -12.65
C PHE A 59 7.49 4.97 -13.95
N ASN A 60 8.32 5.42 -14.88
CA ASN A 60 7.83 5.85 -16.17
C ASN A 60 7.86 4.59 -17.02
N LEU A 61 6.70 4.00 -17.26
CA LEU A 61 6.62 2.76 -18.01
C LEU A 61 7.11 2.81 -19.46
N THR A 62 7.14 4.00 -20.07
CA THR A 62 7.60 4.11 -21.46
C THR A 62 9.11 4.30 -21.55
N GLU A 63 9.75 4.63 -20.43
CA GLU A 63 11.21 4.84 -20.41
C GLU A 63 12.00 3.64 -19.91
N ILE A 64 11.44 2.88 -18.98
CA ILE A 64 12.11 1.70 -18.44
C ILE A 64 11.29 0.44 -18.63
N PRO A 65 11.84 -0.55 -19.36
CA PRO A 65 11.16 -1.82 -19.61
C PRO A 65 10.78 -2.62 -18.36
N GLU A 66 9.52 -3.03 -18.29
CA GLU A 66 8.97 -3.77 -17.16
C GLU A 66 9.86 -4.87 -16.59
N ALA A 67 10.53 -5.62 -17.45
CA ALA A 67 11.42 -6.69 -16.99
C ALA A 67 12.58 -6.11 -16.18
N GLN A 68 13.05 -4.94 -16.59
CA GLN A 68 14.17 -4.30 -15.94
C GLN A 68 13.82 -3.70 -14.57
N ILE A 69 12.55 -3.35 -14.37
CA ILE A 69 12.14 -2.83 -13.08
C ILE A 69 12.31 -4.00 -12.10
N HIS A 70 11.73 -5.15 -12.43
CA HIS A 70 11.83 -6.31 -11.56
C HIS A 70 13.26 -6.81 -11.40
N GLU A 71 14.11 -6.58 -12.40
CA GLU A 71 15.51 -7.00 -12.28
C GLU A 71 16.16 -6.03 -11.29
N GLY A 72 15.66 -4.79 -11.28
CA GLY A 72 16.17 -3.79 -10.38
C GLY A 72 15.90 -4.16 -8.94
N PHE A 73 14.67 -4.61 -8.65
CA PHE A 73 14.33 -5.00 -7.29
C PHE A 73 15.14 -6.24 -6.89
N GLN A 74 15.25 -7.18 -7.81
CA GLN A 74 16.02 -8.40 -7.57
C GLN A 74 17.45 -8.06 -7.13
N GLU A 75 18.09 -7.12 -7.82
CA GLU A 75 19.45 -6.74 -7.47
C GLU A 75 19.48 -5.89 -6.20
N LEU A 76 18.50 -5.00 -6.07
CA LEU A 76 18.42 -4.15 -4.88
C LEU A 76 18.35 -5.01 -3.63
N LEU A 77 17.46 -6.00 -3.62
CA LEU A 77 17.30 -6.87 -2.46
C LEU A 77 18.56 -7.69 -2.22
N ARG A 78 19.19 -8.17 -3.28
CA ARG A 78 20.41 -8.96 -3.11
C ARG A 78 21.51 -8.12 -2.44
N THR A 79 21.67 -6.87 -2.87
CA THR A 79 22.67 -6.00 -2.27
C THR A 79 22.35 -5.68 -0.80
N LEU A 80 21.09 -5.39 -0.51
CA LEU A 80 20.70 -5.06 0.86
C LEU A 80 20.99 -6.21 1.84
N ASN A 81 20.91 -7.45 1.36
CA ASN A 81 21.14 -8.60 2.24
C ASN A 81 22.59 -9.04 2.33
N GLN A 82 23.53 -8.25 1.82
CA GLN A 82 24.95 -8.57 1.89
C GLN A 82 25.67 -7.35 2.46
N PRO A 83 25.40 -7.01 3.71
CA PRO A 83 26.09 -5.83 4.25
C PRO A 83 27.45 -6.12 4.86
N ASP A 84 28.20 -5.04 5.12
CA ASP A 84 29.51 -5.11 5.74
C ASP A 84 29.29 -5.82 7.06
N SER A 85 30.21 -6.70 7.43
CA SER A 85 30.09 -7.45 8.68
C SER A 85 29.73 -6.62 9.92
N GLN A 86 29.96 -5.30 9.85
CA GLN A 86 29.67 -4.41 10.98
C GLN A 86 28.23 -3.88 11.04
N LEU A 87 27.50 -4.03 9.94
CA LEU A 87 26.12 -3.58 9.88
C LEU A 87 25.18 -4.76 9.78
N GLN A 88 24.04 -4.65 10.45
CA GLN A 88 23.03 -5.69 10.38
C GLN A 88 21.90 -5.14 9.52
N LEU A 89 21.57 -5.85 8.44
CA LEU A 89 20.49 -5.41 7.55
C LEU A 89 19.92 -6.62 6.82
N THR A 90 18.63 -6.89 7.03
CA THR A 90 17.95 -8.03 6.40
C THR A 90 16.55 -7.66 5.91
N THR A 91 16.06 -8.42 4.93
CA THR A 91 14.71 -8.23 4.39
C THR A 91 14.17 -9.61 4.04
N GLY A 92 12.85 -9.73 4.04
CA GLY A 92 12.23 -10.98 3.69
C GLY A 92 10.87 -10.82 3.06
N ASN A 93 10.57 -11.66 2.08
CA ASN A 93 9.28 -11.65 1.39
C ASN A 93 8.61 -13.01 1.57
N GLY A 94 7.30 -12.99 1.81
CA GLY A 94 6.60 -14.24 2.00
C GLY A 94 5.18 -14.28 1.48
N LEU A 95 4.88 -15.34 0.73
CA LEU A 95 3.54 -15.54 0.18
C LEU A 95 2.83 -16.57 1.07
N PHE A 96 1.63 -16.22 1.53
CA PHE A 96 0.83 -17.12 2.35
C PHE A 96 -0.41 -17.52 1.56
N LEU A 97 -0.39 -18.72 1.01
CA LEU A 97 -1.49 -19.26 0.19
C LEU A 97 -2.44 -20.16 0.99
N SER A 98 -3.70 -20.23 0.56
CA SER A 98 -4.66 -21.10 1.25
C SER A 98 -4.65 -22.47 0.56
N GLU A 99 -4.90 -23.52 1.34
CA GLU A 99 -4.93 -24.90 0.82
C GLU A 99 -5.86 -25.00 -0.39
N GLY A 100 -5.35 -25.58 -1.47
CA GLY A 100 -6.12 -25.68 -2.69
C GLY A 100 -5.55 -24.57 -3.55
N LEU A 101 -6.35 -23.54 -3.82
CA LEU A 101 -5.90 -22.41 -4.62
C LEU A 101 -4.77 -22.76 -5.58
N LYS A 102 -5.12 -23.08 -6.81
CA LYS A 102 -4.15 -23.42 -7.83
C LYS A 102 -3.58 -22.10 -8.37
N LEU A 103 -2.31 -21.82 -8.06
CA LEU A 103 -1.67 -20.59 -8.52
C LEU A 103 -1.09 -20.74 -9.91
N VAL A 104 -1.05 -19.63 -10.65
CA VAL A 104 -0.46 -19.65 -11.97
C VAL A 104 1.01 -19.96 -11.70
N ASP A 105 1.57 -20.93 -12.42
CA ASP A 105 2.95 -21.31 -12.19
C ASP A 105 3.96 -20.23 -12.46
N LYS A 106 3.72 -19.41 -13.49
CA LYS A 106 4.66 -18.34 -13.80
C LYS A 106 4.77 -17.33 -12.64
N PHE A 107 3.64 -17.00 -12.03
CA PHE A 107 3.65 -16.07 -10.92
C PHE A 107 4.53 -16.57 -9.77
N LEU A 108 4.33 -17.82 -9.40
CA LEU A 108 5.09 -18.40 -8.31
C LEU A 108 6.58 -18.42 -8.59
N GLU A 109 6.96 -18.78 -9.81
CA GLU A 109 8.38 -18.84 -10.11
C GLU A 109 8.99 -17.43 -10.20
N ASP A 110 8.19 -16.44 -10.55
CA ASP A 110 8.68 -15.07 -10.64
C ASP A 110 8.95 -14.46 -9.27
N VAL A 111 8.01 -14.61 -8.34
CA VAL A 111 8.23 -14.04 -7.02
C VAL A 111 9.41 -14.76 -6.39
N LYS A 112 9.62 -16.00 -6.77
CA LYS A 112 10.73 -16.77 -6.21
C LYS A 112 12.07 -16.28 -6.75
N LYS A 113 12.16 -16.10 -8.07
CA LYS A 113 13.40 -15.63 -8.68
C LYS A 113 13.67 -14.14 -8.56
N LEU A 114 12.68 -13.30 -8.88
CA LEU A 114 12.87 -11.86 -8.83
C LEU A 114 12.80 -11.22 -7.45
N TYR A 115 12.02 -11.79 -6.53
CA TYR A 115 11.95 -11.19 -5.20
C TYR A 115 12.48 -12.07 -4.08
N HIS A 116 13.10 -13.19 -4.45
CA HIS A 116 13.67 -14.14 -3.50
C HIS A 116 12.61 -14.49 -2.45
N SER A 117 11.35 -14.53 -2.88
CA SER A 117 10.24 -14.79 -1.97
C SER A 117 10.12 -16.20 -1.45
N GLU A 118 9.62 -16.31 -0.22
CA GLU A 118 9.39 -17.62 0.39
C GLU A 118 7.90 -17.86 0.16
N ALA A 119 7.43 -19.09 0.34
CA ALA A 119 6.02 -19.38 0.12
C ALA A 119 5.51 -20.42 1.10
N PHE A 120 4.37 -20.12 1.71
CA PHE A 120 3.78 -21.02 2.68
C PHE A 120 2.32 -21.27 2.36
N THR A 121 1.79 -22.36 2.90
CA THR A 121 0.40 -22.71 2.72
C THR A 121 -0.25 -22.67 4.10
N VAL A 122 -1.49 -22.21 4.16
CA VAL A 122 -2.19 -22.11 5.43
C VAL A 122 -3.69 -22.18 5.22
N ASN A 123 -4.40 -22.53 6.28
CA ASN A 123 -5.86 -22.60 6.23
C ASN A 123 -6.38 -21.33 6.87
N PHE A 124 -6.87 -20.42 6.04
CA PHE A 124 -7.39 -19.17 6.55
C PHE A 124 -8.74 -19.39 7.21
N GLY A 125 -9.20 -20.64 7.17
CA GLY A 125 -10.46 -20.99 7.81
C GLY A 125 -10.27 -20.91 9.31
N ASP A 126 -9.06 -21.19 9.77
CA ASP A 126 -8.71 -21.10 11.18
C ASP A 126 -7.98 -19.75 11.30
N THR A 127 -8.76 -18.69 11.37
CA THR A 127 -8.21 -17.35 11.46
C THR A 127 -7.14 -17.14 12.53
N GLU A 128 -7.49 -17.37 13.78
CA GLU A 128 -6.54 -17.17 14.86
C GLU A 128 -5.20 -17.86 14.64
N GLU A 129 -5.22 -19.05 14.02
CA GLU A 129 -3.99 -19.78 13.77
C GLU A 129 -3.19 -19.24 12.58
N ALA A 130 -3.88 -18.90 11.49
CA ALA A 130 -3.19 -18.37 10.32
C ALA A 130 -2.61 -17.01 10.71
N LYS A 131 -3.38 -16.24 11.46
CA LYS A 131 -2.92 -14.94 11.90
C LYS A 131 -1.66 -15.15 12.74
N LYS A 132 -1.66 -16.21 13.53
CA LYS A 132 -0.51 -16.52 14.38
C LYS A 132 0.76 -16.77 13.56
N GLN A 133 0.62 -17.51 12.45
CA GLN A 133 1.77 -17.81 11.60
C GLN A 133 2.39 -16.56 10.99
N ILE A 134 1.57 -15.80 10.28
CA ILE A 134 2.05 -14.59 9.66
C ILE A 134 2.77 -13.72 10.69
N ASN A 135 2.11 -13.49 11.83
CA ASN A 135 2.74 -12.66 12.85
C ASN A 135 4.06 -13.18 13.40
N ASP A 136 4.25 -14.49 13.49
CA ASP A 136 5.51 -15.03 13.99
C ASP A 136 6.61 -14.85 12.94
N TYR A 137 6.22 -15.01 11.67
CA TYR A 137 7.14 -14.84 10.54
C TYR A 137 7.75 -13.44 10.61
N VAL A 138 6.88 -12.44 10.77
CA VAL A 138 7.30 -11.05 10.83
C VAL A 138 8.07 -10.73 12.09
N GLU A 139 7.66 -11.34 13.20
CA GLU A 139 8.30 -11.11 14.48
C GLU A 139 9.72 -11.65 14.49
N LYS A 140 9.89 -12.89 14.03
CA LYS A 140 11.20 -13.50 13.99
C LYS A 140 12.06 -12.70 13.04
N GLY A 141 11.47 -12.28 11.92
CA GLY A 141 12.18 -11.51 10.91
C GLY A 141 12.68 -10.15 11.39
N THR A 142 11.86 -9.45 12.17
CA THR A 142 12.27 -8.15 12.69
C THR A 142 12.85 -8.25 14.11
N GLN A 143 13.30 -9.45 14.47
CA GLN A 143 13.90 -9.73 15.78
C GLN A 143 13.10 -9.17 16.96
N GLY A 144 11.81 -9.44 16.97
CA GLY A 144 10.97 -8.96 18.05
C GLY A 144 10.48 -7.52 18.02
N LYS A 145 11.03 -6.69 17.14
CA LYS A 145 10.59 -5.29 17.12
C LYS A 145 9.13 -5.08 16.69
N ILE A 146 8.63 -5.95 15.82
CA ILE A 146 7.23 -5.86 15.36
C ILE A 146 6.56 -7.21 15.60
N VAL A 147 5.66 -7.27 16.58
CA VAL A 147 5.01 -8.54 16.91
C VAL A 147 3.52 -8.69 16.61
N ASP A 148 2.85 -7.58 16.34
CA ASP A 148 1.41 -7.58 16.10
C ASP A 148 1.01 -7.03 14.74
N LEU A 149 1.74 -7.38 13.68
CA LEU A 149 1.43 -6.86 12.36
C LEU A 149 -0.04 -7.00 11.98
N VAL A 150 -0.54 -8.24 11.98
CA VAL A 150 -1.92 -8.51 11.62
C VAL A 150 -2.84 -8.60 12.83
N LYS A 151 -3.75 -7.64 12.95
CA LYS A 151 -4.71 -7.62 14.06
C LYS A 151 -6.03 -8.28 13.65
N GLU A 152 -6.34 -8.20 12.35
CA GLU A 152 -7.57 -8.72 11.79
C GLU A 152 -7.34 -9.45 10.47
N LEU A 153 -7.70 -10.72 10.41
CA LEU A 153 -7.53 -11.48 9.18
C LEU A 153 -8.90 -11.93 8.71
N ASP A 154 -9.22 -11.64 7.46
CA ASP A 154 -10.52 -12.02 6.92
C ASP A 154 -10.63 -13.55 6.73
N ARG A 155 -11.83 -14.08 6.96
CA ARG A 155 -12.06 -15.52 6.83
C ARG A 155 -11.96 -16.00 5.38
N ASP A 156 -12.40 -15.16 4.43
CA ASP A 156 -12.36 -15.52 3.02
C ASP A 156 -11.02 -15.19 2.33
N THR A 157 -10.03 -14.78 3.11
CA THR A 157 -8.72 -14.46 2.58
C THR A 157 -8.16 -15.59 1.72
N VAL A 158 -7.86 -15.31 0.46
CA VAL A 158 -7.33 -16.31 -0.44
C VAL A 158 -5.80 -16.38 -0.36
N PHE A 159 -5.15 -15.22 -0.25
CA PHE A 159 -3.71 -15.19 -0.12
C PHE A 159 -3.24 -13.91 0.56
N ALA A 160 -2.04 -13.94 1.12
CA ALA A 160 -1.51 -12.78 1.79
C ALA A 160 -0.08 -12.60 1.35
N LEU A 161 0.31 -11.35 1.16
CA LEU A 161 1.67 -11.04 0.75
C LEU A 161 2.30 -10.27 1.93
N VAL A 162 3.43 -10.76 2.42
CA VAL A 162 4.09 -10.13 3.57
C VAL A 162 5.60 -9.93 3.41
N ASN A 163 6.12 -8.84 3.94
CA ASN A 163 7.55 -8.63 3.87
C ASN A 163 8.02 -7.86 5.10
N TYR A 164 9.31 -7.95 5.37
CA TYR A 164 9.84 -7.24 6.53
C TYR A 164 11.25 -6.75 6.25
N ILE A 165 11.67 -5.72 6.99
CA ILE A 165 13.02 -5.21 6.86
C ILE A 165 13.53 -4.90 8.26
N PHE A 166 14.75 -5.37 8.55
CA PHE A 166 15.37 -5.18 9.86
C PHE A 166 16.72 -4.51 9.73
N PHE A 167 16.98 -3.55 10.61
CA PHE A 167 18.22 -2.79 10.58
C PHE A 167 18.79 -2.51 11.97
N LYS A 168 20.10 -2.64 12.10
CA LYS A 168 20.78 -2.36 13.37
C LYS A 168 22.19 -1.90 13.10
N GLY A 169 22.47 -0.64 13.43
CA GLY A 169 23.80 -0.10 13.19
C GLY A 169 24.38 0.70 14.35
N LYS A 170 25.71 0.76 14.41
CA LYS A 170 26.38 1.50 15.46
C LYS A 170 26.89 2.79 14.85
N TRP A 171 26.86 3.88 15.62
CA TRP A 171 27.36 5.16 15.12
C TRP A 171 28.86 5.04 14.91
N GLU A 172 29.36 5.71 13.88
CA GLU A 172 30.79 5.68 13.61
C GLU A 172 31.48 6.48 14.71
N ARG A 173 30.74 7.44 15.27
CA ARG A 173 31.21 8.30 16.36
C ARG A 173 30.09 8.35 17.40
N PRO A 174 30.07 7.39 18.33
CA PRO A 174 29.04 7.31 19.37
C PRO A 174 29.00 8.50 20.33
N PHE A 175 27.88 8.61 21.04
CA PHE A 175 27.70 9.66 22.03
C PHE A 175 28.01 9.01 23.36
N GLU A 176 28.32 9.82 24.37
CA GLU A 176 28.61 9.32 25.70
C GLU A 176 27.34 9.42 26.53
N VAL A 177 26.90 8.29 27.06
CA VAL A 177 25.71 8.26 27.89
C VAL A 177 25.75 9.28 29.02
N LYS A 178 26.90 9.41 29.69
CA LYS A 178 27.02 10.35 30.81
C LYS A 178 26.83 11.81 30.40
N ASP A 179 26.83 12.09 29.10
CA ASP A 179 26.64 13.44 28.60
C ASP A 179 25.18 13.73 28.24
N THR A 180 24.33 12.73 28.37
CA THR A 180 22.92 12.88 28.04
C THR A 180 22.10 13.56 29.12
N GLU A 181 21.81 14.83 28.92
CA GLU A 181 21.01 15.61 29.86
C GLU A 181 19.58 15.71 29.32
N GLU A 182 18.66 16.15 30.16
CA GLU A 182 17.28 16.29 29.75
C GLU A 182 17.03 17.76 29.38
N GLU A 183 16.57 17.99 28.16
CA GLU A 183 16.31 19.34 27.69
C GLU A 183 14.92 19.50 27.07
N ASP A 184 14.58 20.74 26.74
CA ASP A 184 13.30 21.04 26.14
C ASP A 184 13.23 20.66 24.68
N PHE A 185 12.02 20.36 24.23
CA PHE A 185 11.74 20.04 22.84
C PHE A 185 10.45 20.80 22.56
N HIS A 186 10.50 21.72 21.61
CA HIS A 186 9.33 22.53 21.28
C HIS A 186 8.46 21.94 20.20
N VAL A 187 7.48 21.14 20.60
CA VAL A 187 6.55 20.50 19.69
C VAL A 187 5.91 21.56 18.78
N ASP A 188 5.54 22.69 19.35
CA ASP A 188 4.94 23.78 18.61
C ASP A 188 4.82 25.04 19.47
N GLN A 189 4.13 26.05 18.97
CA GLN A 189 3.98 27.31 19.69
C GLN A 189 3.46 27.18 21.13
N VAL A 190 2.61 26.18 21.38
CA VAL A 190 2.03 25.99 22.70
C VAL A 190 2.54 24.82 23.58
N THR A 191 3.14 23.81 22.99
CA THR A 191 3.61 22.67 23.77
C THR A 191 5.10 22.46 23.80
N THR A 192 5.62 22.16 24.98
CA THR A 192 7.04 21.90 25.16
C THR A 192 7.17 20.67 26.06
N VAL A 193 7.91 19.68 25.60
CA VAL A 193 8.11 18.48 26.39
C VAL A 193 9.57 18.31 26.74
N LYS A 194 9.84 17.55 27.79
CA LYS A 194 11.22 17.32 28.19
C LYS A 194 11.66 15.94 27.75
N VAL A 195 12.80 15.88 27.08
CA VAL A 195 13.32 14.61 26.59
C VAL A 195 14.81 14.43 26.82
N PRO A 196 15.28 13.18 26.83
CA PRO A 196 16.72 12.93 27.03
C PRO A 196 17.46 13.37 25.78
N MET A 197 18.23 14.43 25.88
CA MET A 197 18.99 14.98 24.77
C MET A 197 20.44 14.47 24.80
N MET A 198 20.89 13.88 23.70
CA MET A 198 22.28 13.41 23.62
C MET A 198 23.12 14.59 23.14
N LYS A 199 24.36 14.68 23.64
CA LYS A 199 25.22 15.79 23.27
C LYS A 199 26.64 15.36 22.93
N ARG A 200 27.24 16.09 21.99
CA ARG A 200 28.61 15.82 21.59
C ARG A 200 29.21 17.04 20.94
N LEU A 201 30.40 17.38 21.42
CA LEU A 201 31.13 18.53 20.93
C LEU A 201 32.20 17.91 20.01
N GLY A 202 32.21 18.30 18.74
CA GLY A 202 33.20 17.71 17.85
C GLY A 202 33.15 18.07 16.39
N MET A 203 33.59 17.13 15.55
CA MET A 203 33.63 17.30 14.10
C MET A 203 32.46 16.55 13.45
N PHE A 204 31.67 17.25 12.64
CA PHE A 204 30.49 16.67 11.98
C PHE A 204 30.33 17.04 10.50
N ASN A 205 29.70 16.13 9.78
CA ASN A 205 29.39 16.37 8.38
C ASN A 205 28.07 17.14 8.51
N ILE A 206 28.18 18.44 8.72
CA ILE A 206 27.00 19.29 8.91
C ILE A 206 27.14 20.58 8.13
N GLN A 207 26.02 21.19 7.75
CA GLN A 207 26.07 22.42 6.96
C GLN A 207 24.69 23.04 6.81
N HIS A 208 24.65 24.36 6.62
CA HIS A 208 23.37 25.03 6.46
C HIS A 208 23.06 25.38 5.01
N CYS A 209 22.32 24.51 4.35
CA CYS A 209 21.94 24.69 2.95
C CYS A 209 20.75 25.66 2.83
N LYS A 210 20.98 26.85 2.28
CA LYS A 210 19.91 27.83 2.12
C LYS A 210 18.88 27.45 1.04
N LYS A 211 19.14 26.36 0.32
CA LYS A 211 18.22 25.90 -0.70
C LYS A 211 17.03 25.21 -0.05
N LEU A 212 17.25 24.71 1.17
CA LEU A 212 16.23 24.00 1.93
C LEU A 212 15.87 24.79 3.19
N SER A 213 16.56 25.91 3.39
CA SER A 213 16.33 26.75 4.56
C SER A 213 16.49 25.92 5.82
N SER A 214 17.52 25.07 5.85
CA SER A 214 17.74 24.23 7.02
C SER A 214 19.12 23.61 7.12
N TRP A 215 19.50 23.28 8.35
CA TRP A 215 20.79 22.63 8.61
C TRP A 215 20.65 21.16 8.20
N VAL A 216 21.72 20.59 7.66
CA VAL A 216 21.70 19.22 7.21
C VAL A 216 22.85 18.48 7.85
N LEU A 217 22.53 17.44 8.63
CA LEU A 217 23.52 16.64 9.33
C LEU A 217 23.58 15.20 8.83
N LEU A 218 24.77 14.71 8.56
CA LEU A 218 24.91 13.33 8.11
C LEU A 218 25.76 12.58 9.12
N MET A 219 25.22 11.48 9.65
CA MET A 219 25.94 10.67 10.60
C MET A 219 26.12 9.24 10.11
N LYS A 220 27.35 8.90 9.75
CA LYS A 220 27.64 7.55 9.27
C LYS A 220 27.48 6.48 10.34
N TYR A 221 27.19 5.27 9.90
CA TYR A 221 27.10 4.12 10.80
C TYR A 221 28.33 3.28 10.40
N LEU A 222 28.76 2.38 11.27
CA LEU A 222 29.87 1.52 10.90
C LEU A 222 29.27 0.66 9.81
N GLY A 223 29.93 0.60 8.65
CA GLY A 223 29.39 -0.19 7.58
C GLY A 223 28.86 0.66 6.44
N ASN A 224 27.93 0.10 5.68
CA ASN A 224 27.37 0.77 4.51
C ASN A 224 26.00 1.45 4.69
N ALA A 225 25.92 2.44 5.56
CA ALA A 225 24.65 3.13 5.77
C ALA A 225 24.87 4.48 6.43
N THR A 226 23.94 5.38 6.21
CA THR A 226 24.05 6.72 6.77
C THR A 226 22.68 7.26 7.17
N ALA A 227 22.68 8.12 8.19
CA ALA A 227 21.47 8.75 8.67
C ALA A 227 21.55 10.25 8.31
N ILE A 228 20.48 10.79 7.72
CA ILE A 228 20.47 12.20 7.35
C ILE A 228 19.38 12.94 8.12
N PHE A 229 19.74 14.06 8.75
CA PHE A 229 18.76 14.83 9.52
C PHE A 229 18.64 16.25 8.98
N PHE A 230 17.39 16.72 8.83
CA PHE A 230 17.14 18.07 8.33
C PHE A 230 16.43 18.94 9.37
N LEU A 231 17.08 20.01 9.80
CA LEU A 231 16.51 20.92 10.79
C LEU A 231 16.08 22.21 10.09
N PRO A 232 14.78 22.34 9.78
CA PRO A 232 14.32 23.56 9.11
C PRO A 232 14.43 24.81 9.97
N ASP A 233 14.64 25.96 9.33
CA ASP A 233 14.72 27.21 10.06
C ASP A 233 13.30 27.54 10.49
N GLU A 234 13.17 28.55 11.34
CA GLU A 234 11.87 28.98 11.84
C GLU A 234 10.84 29.12 10.71
N GLY A 235 9.69 28.48 10.89
CA GLY A 235 8.62 28.53 9.90
C GLY A 235 8.95 28.01 8.52
N LYS A 236 9.96 27.15 8.41
CA LYS A 236 10.36 26.63 7.11
C LYS A 236 10.16 25.12 6.88
N LEU A 237 9.52 24.44 7.82
CA LEU A 237 9.29 23.00 7.70
C LEU A 237 8.58 22.63 6.39
N GLN A 238 7.47 23.30 6.07
CA GLN A 238 6.74 23.01 4.84
C GLN A 238 7.63 23.21 3.61
N HIS A 239 8.47 24.23 3.65
CA HIS A 239 9.38 24.52 2.55
C HIS A 239 10.35 23.34 2.37
N LEU A 240 10.94 22.88 3.47
CA LEU A 240 11.87 21.76 3.41
C LEU A 240 11.22 20.50 2.83
N GLU A 241 10.00 20.22 3.28
CA GLU A 241 9.28 19.04 2.83
C GLU A 241 8.96 19.05 1.34
N ASN A 242 8.82 20.23 0.75
CA ASN A 242 8.49 20.30 -0.67
C ASN A 242 9.69 20.44 -1.59
N GLU A 243 10.81 20.87 -1.03
CA GLU A 243 12.00 21.07 -1.83
C GLU A 243 12.91 19.85 -1.94
N LEU A 244 12.58 18.80 -1.20
CA LEU A 244 13.37 17.57 -1.22
C LEU A 244 13.21 16.77 -2.50
N THR A 245 14.33 16.40 -3.12
CA THR A 245 14.32 15.61 -4.34
C THR A 245 15.49 14.64 -4.26
N HIS A 246 15.50 13.66 -5.14
CA HIS A 246 16.57 12.68 -5.12
C HIS A 246 17.93 13.29 -5.47
N ASP A 247 17.92 14.28 -6.34
CA ASP A 247 19.17 14.92 -6.75
C ASP A 247 19.87 15.58 -5.57
N ILE A 248 19.09 16.29 -4.76
CA ILE A 248 19.60 16.98 -3.59
C ILE A 248 20.25 16.00 -2.61
N ILE A 249 19.56 14.92 -2.31
CA ILE A 249 20.13 13.94 -1.40
C ILE A 249 21.43 13.41 -1.98
N THR A 250 21.42 13.10 -3.28
CA THR A 250 22.61 12.59 -3.95
C THR A 250 23.81 13.51 -3.75
N LYS A 251 23.57 14.82 -3.76
CA LYS A 251 24.68 15.76 -3.57
C LYS A 251 25.31 15.64 -2.19
N PHE A 252 24.49 15.63 -1.13
CA PHE A 252 25.00 15.53 0.23
C PHE A 252 25.83 14.25 0.43
N LEU A 253 25.39 13.16 -0.16
CA LEU A 253 26.06 11.87 -0.02
C LEU A 253 27.43 11.71 -0.67
N GLU A 254 27.85 12.68 -1.48
CA GLU A 254 29.15 12.57 -2.14
C GLU A 254 30.29 13.34 -1.49
N ASN A 255 29.97 14.32 -0.65
CA ASN A 255 31.00 15.10 0.02
C ASN A 255 31.02 14.86 1.54
N GLU A 256 32.19 14.56 2.07
CA GLU A 256 32.37 14.31 3.50
C GLU A 256 32.72 15.57 4.27
N ASP A 257 32.55 16.73 3.64
CA ASP A 257 32.85 18.02 4.26
C ASP A 257 32.51 18.03 5.76
N ARG A 258 33.53 18.18 6.60
CA ARG A 258 33.35 18.22 8.04
C ARG A 258 33.62 19.59 8.66
N ARG A 259 33.21 19.76 9.92
CA ARG A 259 33.41 21.00 10.63
C ARG A 259 33.05 20.89 12.11
N SER A 260 33.59 21.80 12.90
CA SER A 260 33.35 21.82 14.34
C SER A 260 31.94 22.29 14.69
N ALA A 261 31.34 21.65 15.70
CA ALA A 261 30.00 22.00 16.11
C ALA A 261 29.59 21.33 17.41
N SER A 262 28.63 21.95 18.10
CA SER A 262 28.09 21.43 19.34
C SER A 262 26.70 20.91 18.96
N LEU A 263 26.55 19.59 18.98
CA LEU A 263 25.29 18.96 18.57
C LEU A 263 24.38 18.43 19.67
N HIS A 264 23.08 18.70 19.54
CA HIS A 264 22.07 18.21 20.48
C HIS A 264 21.07 17.37 19.68
N LEU A 265 21.12 16.06 19.85
CA LEU A 265 20.23 15.14 19.15
C LEU A 265 19.49 14.30 20.19
N PRO A 266 18.15 14.34 20.14
CA PRO A 266 17.37 13.56 21.11
C PRO A 266 17.31 12.06 20.86
N LYS A 267 17.14 11.27 21.92
CA LYS A 267 16.99 9.83 21.78
C LYS A 267 15.55 9.68 21.30
N LEU A 268 15.23 8.57 20.67
CA LEU A 268 13.87 8.39 20.17
C LEU A 268 13.37 6.96 20.24
N SER A 269 12.05 6.86 20.21
CA SER A 269 11.33 5.60 20.19
C SER A 269 9.98 6.00 19.63
N ILE A 270 9.87 5.96 18.32
CA ILE A 270 8.62 6.31 17.68
C ILE A 270 8.14 5.16 16.82
N THR A 271 6.86 5.14 16.55
CA THR A 271 6.28 4.07 15.75
C THR A 271 5.24 4.64 14.78
N GLY A 272 5.17 4.02 13.60
CA GLY A 272 4.22 4.44 12.59
C GLY A 272 3.36 3.25 12.22
N THR A 273 2.05 3.46 12.16
CA THR A 273 1.10 2.40 11.80
C THR A 273 0.15 2.99 10.76
N TYR A 274 -0.04 2.30 9.64
CA TYR A 274 -0.88 2.85 8.60
C TYR A 274 -1.78 1.92 7.80
N ASP A 275 -2.89 2.47 7.31
CA ASP A 275 -3.79 1.77 6.41
C ASP A 275 -3.58 2.55 5.12
N LEU A 276 -2.67 2.07 4.29
CA LEU A 276 -2.30 2.75 3.05
C LEU A 276 -3.28 2.85 1.89
N LYS A 277 -4.48 2.31 2.04
CA LYS A 277 -5.45 2.34 0.95
C LYS A 277 -5.80 3.73 0.40
N SER A 278 -6.19 4.64 1.27
CA SER A 278 -6.55 5.98 0.80
C SER A 278 -5.32 6.79 0.35
N VAL A 279 -4.26 6.76 1.14
CA VAL A 279 -3.05 7.49 0.80
C VAL A 279 -2.52 6.99 -0.55
N LEU A 280 -2.57 5.68 -0.78
CA LEU A 280 -2.12 5.11 -2.04
C LEU A 280 -3.09 5.49 -3.16
N GLY A 281 -4.38 5.58 -2.83
CA GLY A 281 -5.36 5.96 -3.83
C GLY A 281 -5.02 7.34 -4.36
N GLN A 282 -4.59 8.22 -3.46
CA GLN A 282 -4.21 9.57 -3.82
C GLN A 282 -3.00 9.59 -4.78
N LEU A 283 -2.27 8.48 -4.83
CA LEU A 283 -1.10 8.36 -5.70
C LEU A 283 -1.41 7.59 -6.98
N GLY A 284 -2.71 7.37 -7.24
CA GLY A 284 -3.12 6.67 -8.44
C GLY A 284 -3.28 5.16 -8.38
N ILE A 285 -3.20 4.58 -7.19
CA ILE A 285 -3.35 3.14 -7.05
C ILE A 285 -4.72 2.86 -6.43
N THR A 286 -5.73 2.68 -7.29
CA THR A 286 -7.10 2.44 -6.84
C THR A 286 -7.79 1.21 -7.41
N LYS A 287 -7.51 0.87 -8.67
CA LYS A 287 -8.12 -0.28 -9.32
C LYS A 287 -7.89 -1.61 -8.59
N VAL A 288 -6.64 -1.87 -8.18
CA VAL A 288 -6.32 -3.11 -7.49
C VAL A 288 -7.13 -3.31 -6.19
N PHE A 289 -7.82 -2.27 -5.75
CA PHE A 289 -8.65 -2.34 -4.55
C PHE A 289 -10.15 -2.49 -4.88
N SER A 290 -10.50 -2.43 -6.16
CA SER A 290 -11.92 -2.54 -6.56
C SER A 290 -12.27 -3.77 -7.37
N ASN A 291 -13.53 -3.86 -7.78
CA ASN A 291 -13.99 -4.99 -8.59
C ASN A 291 -13.45 -4.89 -10.00
N GLY A 292 -12.83 -3.75 -10.32
CA GLY A 292 -12.25 -3.58 -11.64
C GLY A 292 -10.81 -4.07 -11.65
N ALA A 293 -10.42 -4.72 -10.56
CA ALA A 293 -9.06 -5.24 -10.44
C ALA A 293 -8.81 -6.47 -11.29
N ASP A 294 -7.55 -6.65 -11.69
CA ASP A 294 -7.14 -7.77 -12.49
C ASP A 294 -5.94 -8.46 -11.83
N LEU A 295 -6.20 -9.54 -11.11
CA LEU A 295 -5.13 -10.29 -10.47
C LEU A 295 -5.11 -11.68 -11.10
N SER A 296 -5.69 -11.77 -12.28
CA SER A 296 -5.76 -13.03 -13.02
C SER A 296 -4.37 -13.60 -13.31
N GLY A 297 -3.34 -12.81 -12.99
CA GLY A 297 -1.98 -13.28 -13.20
C GLY A 297 -1.50 -14.08 -12.01
N VAL A 298 -2.23 -13.98 -10.91
CA VAL A 298 -1.91 -14.70 -9.68
C VAL A 298 -2.58 -16.07 -9.69
N THR A 299 -3.88 -16.07 -9.98
CA THR A 299 -4.66 -17.29 -10.01
C THR A 299 -5.79 -17.14 -11.01
N GLU A 300 -6.31 -18.27 -11.49
CA GLU A 300 -7.41 -18.24 -12.42
C GLU A 300 -8.62 -18.87 -11.74
N GLU A 301 -8.39 -19.49 -10.58
CA GLU A 301 -9.47 -20.11 -9.82
C GLU A 301 -10.57 -19.12 -9.51
N ALA A 302 -10.20 -18.01 -8.89
CA ALA A 302 -11.17 -16.98 -8.54
C ALA A 302 -10.72 -15.59 -8.92
N PRO A 303 -11.64 -14.62 -8.95
CA PRO A 303 -11.37 -13.21 -9.28
C PRO A 303 -11.01 -12.53 -7.96
N LEU A 304 -9.71 -12.29 -7.75
CA LEU A 304 -9.26 -11.68 -6.51
C LEU A 304 -9.09 -10.17 -6.56
N LYS A 305 -9.03 -9.56 -5.38
CA LYS A 305 -8.80 -8.13 -5.25
C LYS A 305 -8.22 -7.83 -3.88
N LEU A 306 -7.45 -6.75 -3.78
CA LEU A 306 -6.83 -6.38 -2.52
C LEU A 306 -7.84 -5.83 -1.50
N SER A 307 -7.80 -6.40 -0.30
CA SER A 307 -8.71 -6.01 0.77
C SER A 307 -8.09 -5.07 1.80
N LYS A 308 -6.81 -5.27 2.09
CA LYS A 308 -6.12 -4.42 3.06
C LYS A 308 -4.70 -4.19 2.63
N ALA A 309 -4.14 -3.08 3.09
CA ALA A 309 -2.76 -2.72 2.82
C ALA A 309 -2.26 -2.07 4.13
N VAL A 310 -1.67 -2.88 5.00
CA VAL A 310 -1.20 -2.38 6.28
C VAL A 310 0.32 -2.25 6.39
N HIS A 311 0.79 -1.17 7.00
CA HIS A 311 2.23 -0.97 7.19
C HIS A 311 2.55 -0.54 8.61
N LYS A 312 3.63 -1.08 9.15
CA LYS A 312 4.04 -0.75 10.50
C LYS A 312 5.56 -0.62 10.56
N ALA A 313 6.05 0.36 11.32
CA ALA A 313 7.48 0.58 11.43
C ALA A 313 7.84 1.15 12.81
N VAL A 314 8.99 0.75 13.34
CA VAL A 314 9.43 1.25 14.64
C VAL A 314 10.88 1.68 14.55
N LEU A 315 11.20 2.70 15.33
CA LEU A 315 12.54 3.25 15.34
C LEU A 315 13.10 3.48 16.74
N THR A 316 14.39 3.29 16.89
CA THR A 316 15.04 3.55 18.16
C THR A 316 16.39 4.21 17.94
N ILE A 317 16.56 5.39 18.50
CA ILE A 317 17.81 6.09 18.38
C ILE A 317 18.38 6.40 19.75
N ASP A 318 19.57 5.91 20.03
CA ASP A 318 20.25 6.19 21.30
C ASP A 318 21.69 6.56 21.00
N GLU A 319 22.53 6.64 22.04
CA GLU A 319 23.92 7.04 21.84
C GLU A 319 24.85 6.01 21.19
N LYS A 320 24.40 4.76 21.09
CA LYS A 320 25.20 3.72 20.45
C LYS A 320 24.94 3.67 18.94
N GLY A 321 23.68 3.87 18.55
CA GLY A 321 23.32 3.85 17.15
C GLY A 321 21.82 3.89 16.87
N THR A 322 21.39 3.12 15.89
CA THR A 322 19.97 3.08 15.55
C THR A 322 19.49 1.66 15.37
N GLU A 323 18.21 1.44 15.66
CA GLU A 323 17.60 0.14 15.48
C GLU A 323 16.25 0.41 14.83
N ALA A 324 15.97 -0.27 13.72
CA ALA A 324 14.71 -0.06 13.01
C ALA A 324 14.15 -1.31 12.34
N ALA A 325 12.83 -1.33 12.20
CA ALA A 325 12.12 -2.44 11.58
C ALA A 325 10.84 -1.94 10.91
N GLY A 326 10.50 -2.56 9.79
CA GLY A 326 9.29 -2.20 9.08
C GLY A 326 8.66 -3.47 8.55
N ALA A 327 7.35 -3.42 8.28
CA ALA A 327 6.64 -4.59 7.76
C ALA A 327 5.41 -4.21 6.94
N MET A 328 5.09 -5.06 5.98
CA MET A 328 3.96 -4.83 5.09
C MET A 328 3.03 -6.04 5.05
N PHE A 329 1.73 -5.79 5.09
CA PHE A 329 0.73 -6.85 5.05
C PHE A 329 -0.31 -6.55 3.97
N LEU A 330 -0.35 -7.38 2.93
CA LEU A 330 -1.33 -7.23 1.84
C LEU A 330 -2.25 -8.44 1.84
N GLU A 331 -3.55 -8.18 2.04
CA GLU A 331 -4.56 -9.25 2.07
C GLU A 331 -5.44 -9.23 0.81
N ALA A 332 -5.65 -10.40 0.21
CA ALA A 332 -6.48 -10.50 -0.98
C ALA A 332 -7.69 -11.43 -0.76
N ILE A 333 -8.86 -11.03 -1.28
CA ILE A 333 -10.07 -11.83 -1.13
C ILE A 333 -10.84 -11.90 -2.45
N PRO A 334 -11.81 -12.84 -2.56
CA PRO A 334 -12.60 -13.00 -3.78
C PRO A 334 -13.65 -11.90 -3.91
N MET A 335 -13.93 -11.48 -5.14
CA MET A 335 -14.95 -10.45 -5.38
C MET A 335 -16.34 -11.04 -5.09
N SER B 1 27.17 31.08 17.86
CA SER B 1 28.46 30.97 18.60
C SER B 1 29.48 30.17 17.80
N ILE B 2 30.69 30.03 18.37
CA ILE B 2 31.78 29.28 17.74
C ILE B 2 32.27 28.23 18.74
N PRO B 3 32.12 26.93 18.42
CA PRO B 3 31.53 26.35 17.22
C PRO B 3 30.02 26.56 17.21
N PRO B 4 29.38 26.44 16.04
CA PRO B 4 27.94 26.62 15.96
C PRO B 4 27.20 25.60 16.82
N GLU B 5 26.14 26.04 17.50
CA GLU B 5 25.37 25.13 18.31
C GLU B 5 24.10 24.79 17.54
N VAL B 6 24.01 23.53 17.12
CA VAL B 6 22.88 23.01 16.36
C VAL B 6 22.08 22.07 17.25
N LYS B 7 20.87 22.50 17.60
CA LYS B 7 20.00 21.71 18.48
C LYS B 7 18.76 21.21 17.76
N PHE B 8 18.53 19.90 17.79
CA PHE B 8 17.33 19.33 17.20
C PHE B 8 16.29 19.30 18.30
N ASN B 9 15.75 20.48 18.61
CA ASN B 9 14.75 20.62 19.67
C ASN B 9 13.39 21.11 19.18
N LYS B 10 13.14 20.93 17.90
CA LYS B 10 11.88 21.31 17.27
C LYS B 10 11.69 20.28 16.14
N PRO B 11 10.48 20.16 15.59
CA PRO B 11 10.20 19.22 14.51
C PRO B 11 11.26 19.14 13.43
N PHE B 12 11.65 17.91 13.08
CA PHE B 12 12.65 17.71 12.04
C PHE B 12 12.41 16.44 11.22
N VAL B 13 12.98 16.43 10.01
CA VAL B 13 12.84 15.31 9.06
C VAL B 13 14.12 14.48 9.00
N PHE B 14 14.01 13.17 8.81
CA PHE B 14 15.21 12.35 8.69
C PHE B 14 15.09 11.17 7.73
N LEU B 15 16.24 10.75 7.20
CA LEU B 15 16.29 9.68 6.21
C LEU B 15 17.41 8.68 6.51
N MET B 16 17.09 7.39 6.45
CA MET B 16 18.07 6.33 6.69
C MET B 16 18.45 5.75 5.32
N ILE B 17 19.71 5.96 4.91
CA ILE B 17 20.18 5.51 3.59
C ILE B 17 21.30 4.47 3.53
N GLU B 18 21.13 3.48 2.65
CA GLU B 18 22.13 2.43 2.44
C GLU B 18 23.12 2.98 1.38
N GLN B 19 24.42 2.94 1.71
CA GLN B 19 25.45 3.51 0.86
C GLN B 19 25.69 2.94 -0.54
N ASN B 20 25.70 1.61 -0.69
CA ASN B 20 25.91 1.02 -2.00
C ASN B 20 24.81 1.37 -3.00
N THR B 21 23.57 1.01 -2.69
CA THR B 21 22.44 1.29 -3.58
C THR B 21 21.95 2.73 -3.55
N LYS B 22 22.23 3.44 -2.47
CA LYS B 22 21.78 4.82 -2.30
C LYS B 22 20.26 4.89 -2.11
N SER B 23 19.64 3.77 -1.77
CA SER B 23 18.20 3.72 -1.57
C SER B 23 17.78 4.09 -0.15
N PRO B 24 16.56 4.65 0.00
CA PRO B 24 16.02 5.06 1.31
C PRO B 24 15.33 3.95 2.09
N LEU B 25 16.03 3.40 3.08
CA LEU B 25 15.51 2.32 3.92
C LEU B 25 14.36 2.76 4.82
N PHE B 26 14.46 3.98 5.36
CA PHE B 26 13.46 4.51 6.26
C PHE B 26 13.40 6.02 6.13
N MET B 27 12.24 6.58 6.47
CA MET B 27 12.04 8.03 6.44
C MET B 27 11.09 8.40 7.54
N GLY B 28 11.24 9.59 8.10
CA GLY B 28 10.36 10.01 9.17
C GLY B 28 10.37 11.48 9.51
N LYS B 29 9.47 11.86 10.40
CA LYS B 29 9.37 13.24 10.90
C LYS B 29 9.07 13.13 12.39
N VAL B 30 9.91 13.75 13.21
CA VAL B 30 9.74 13.76 14.67
C VAL B 30 9.05 15.07 15.06
N VAL B 31 7.85 14.97 15.63
CA VAL B 31 7.10 16.14 16.07
C VAL B 31 7.08 16.20 17.59
N ASN B 32 7.10 15.05 18.23
CA ASN B 32 7.09 14.98 19.68
C ASN B 32 7.68 13.63 20.05
N PRO B 33 8.97 13.64 20.46
CA PRO B 33 9.68 12.42 20.84
C PRO B 33 8.91 11.57 21.85
N THR B 34 8.01 12.20 22.59
CA THR B 34 7.23 11.49 23.62
C THR B 34 5.83 11.09 23.20
N GLN B 35 5.42 11.47 21.99
CA GLN B 35 4.09 11.10 21.52
C GLN B 35 3.88 9.62 21.77
N LYS B 36 2.78 9.29 22.45
CA LYS B 36 2.45 7.92 22.79
C LYS B 36 1.22 7.98 23.69
N CYS C 45 -17.99 -14.97 -7.54
CA CYS C 45 -19.28 -14.33 -7.94
C CYS C 45 -20.33 -15.39 -8.21
N GLY C 46 -21.49 -14.94 -8.70
CA GLY C 46 -22.58 -15.86 -8.99
C GLY C 46 -23.47 -15.43 -10.15
N GLY C 47 -23.70 -16.34 -11.08
CA GLY C 47 -24.52 -16.06 -12.24
C GLY C 47 -26.01 -15.98 -11.96
N SER C 48 -26.81 -16.42 -12.94
CA SER C 48 -28.27 -16.39 -12.82
C SER C 48 -28.94 -16.97 -14.08
N LEU C 49 -29.54 -18.16 -13.96
CA LEU C 49 -30.20 -18.79 -15.09
C LEU C 49 -31.44 -18.06 -15.57
N ILE C 50 -31.50 -17.75 -16.87
CA ILE C 50 -32.66 -17.09 -17.43
C ILE C 50 -33.45 -18.10 -18.25
N ASN C 51 -32.85 -19.28 -18.41
CA ASN C 51 -33.47 -20.39 -19.12
C ASN C 51 -32.66 -21.67 -18.88
N SER C 52 -33.14 -22.80 -19.37
CA SER C 52 -32.46 -24.08 -19.17
C SER C 52 -30.98 -24.18 -19.50
N GLN C 53 -30.51 -23.39 -20.46
CA GLN C 53 -29.09 -23.46 -20.85
C GLN C 53 -28.23 -22.25 -20.58
N TRP C 54 -28.82 -21.05 -20.62
CA TRP C 54 -28.07 -19.82 -20.43
C TRP C 54 -28.14 -19.13 -19.07
N VAL C 55 -26.96 -18.85 -18.53
CA VAL C 55 -26.85 -18.13 -17.27
C VAL C 55 -26.25 -16.77 -17.61
N VAL C 56 -26.78 -15.72 -16.99
CA VAL C 56 -26.26 -14.38 -17.24
C VAL C 56 -25.61 -13.83 -15.97
N SER C 57 -24.39 -13.31 -16.10
CA SER C 57 -23.68 -12.75 -14.95
C SER C 57 -22.91 -11.47 -15.33
N ALA C 58 -22.06 -11.02 -14.42
CA ALA C 58 -21.26 -9.82 -14.67
C ALA C 58 -20.02 -10.19 -15.46
N ALA C 59 -19.51 -9.24 -16.23
CA ALA C 59 -18.33 -9.48 -17.02
C ALA C 59 -17.04 -9.41 -16.22
N HIS C 60 -16.98 -8.54 -15.21
CA HIS C 60 -15.76 -8.37 -14.42
C HIS C 60 -15.19 -9.56 -13.66
N CYS C 61 -16.01 -10.52 -13.29
CA CYS C 61 -15.51 -11.67 -12.55
C CYS C 61 -14.77 -12.65 -13.46
N TYR C 62 -14.83 -12.43 -14.76
CA TYR C 62 -14.21 -13.35 -15.70
C TYR C 62 -13.01 -12.91 -16.53
N LYS C 63 -11.99 -13.76 -16.49
CA LYS C 63 -10.71 -13.57 -17.19
C LYS C 63 -10.10 -12.18 -17.00
N SER C 64 -9.76 -11.87 -15.76
CA SER C 64 -9.17 -10.58 -15.45
C SER C 64 -10.22 -9.49 -15.39
N ALA C 87 -18.45 -24.85 -18.39
CA ALA C 87 -19.45 -25.05 -19.45
C ALA C 87 -18.79 -25.05 -20.83
N SER C 88 -19.55 -24.67 -21.85
CA SER C 88 -19.01 -24.68 -23.20
C SER C 88 -18.55 -23.33 -23.73
N LYS C 89 -19.28 -22.25 -23.45
CA LYS C 89 -18.82 -20.95 -23.95
C LYS C 89 -19.23 -19.70 -23.19
N SER C 90 -18.41 -18.67 -23.37
CA SER C 90 -18.62 -17.38 -22.73
C SER C 90 -18.74 -16.31 -23.80
N ILE C 91 -19.65 -15.36 -23.58
CA ILE C 91 -19.82 -14.27 -24.52
C ILE C 91 -20.01 -12.97 -23.73
N VAL C 92 -18.89 -12.29 -23.48
CA VAL C 92 -18.91 -11.03 -22.77
C VAL C 92 -19.57 -10.00 -23.67
N HIS C 93 -20.20 -8.97 -23.09
CA HIS C 93 -20.82 -7.95 -23.90
C HIS C 93 -19.74 -7.29 -24.78
N PRO C 94 -20.00 -7.15 -26.09
CA PRO C 94 -19.03 -6.54 -27.00
C PRO C 94 -18.52 -5.15 -26.63
N SER C 95 -19.31 -4.39 -25.89
CA SER C 95 -18.88 -3.04 -25.49
C SER C 95 -18.49 -2.93 -24.01
N TYR C 96 -18.15 -4.06 -23.40
CA TYR C 96 -17.75 -4.10 -22.00
C TYR C 96 -16.51 -3.25 -21.77
N ASN C 97 -16.58 -2.34 -20.80
CA ASN C 97 -15.45 -1.48 -20.49
C ASN C 97 -14.90 -1.88 -19.12
N SER C 98 -13.74 -2.55 -19.13
CA SER C 98 -13.13 -3.03 -17.89
C SER C 98 -12.61 -1.95 -16.95
N ASN C 99 -12.64 -0.68 -17.37
CA ASN C 99 -12.19 0.39 -16.48
C ASN C 99 -13.36 1.06 -15.77
N THR C 100 -14.44 1.28 -16.49
CA THR C 100 -15.61 1.94 -15.92
C THR C 100 -16.71 0.93 -15.54
N LEU C 101 -16.52 -0.33 -15.92
CA LEU C 101 -17.48 -1.39 -15.66
C LEU C 101 -18.82 -1.15 -16.35
N ASN C 102 -18.80 -0.29 -17.37
CA ASN C 102 -19.97 0.02 -18.17
C ASN C 102 -20.23 -1.21 -19.06
N ASN C 103 -21.48 -1.68 -19.10
CA ASN C 103 -21.87 -2.87 -19.88
C ASN C 103 -21.28 -4.13 -19.25
N ASP C 104 -21.15 -4.10 -17.94
CA ASP C 104 -20.57 -5.21 -17.18
C ASP C 104 -21.53 -6.38 -17.14
N ILE C 105 -21.67 -7.06 -18.28
CA ILE C 105 -22.59 -8.18 -18.34
C ILE C 105 -22.12 -9.21 -19.35
N MET C 106 -22.45 -10.47 -19.12
CA MET C 106 -22.04 -11.54 -20.02
C MET C 106 -22.94 -12.77 -19.95
N LEU C 107 -22.84 -13.62 -20.96
CA LEU C 107 -23.64 -14.84 -21.06
C LEU C 107 -22.76 -16.08 -21.08
N ILE C 108 -23.19 -17.10 -20.34
CA ILE C 108 -22.46 -18.37 -20.30
C ILE C 108 -23.41 -19.49 -20.72
N LYS C 109 -23.01 -20.32 -21.67
CA LYS C 109 -23.85 -21.44 -22.11
C LYS C 109 -23.32 -22.70 -21.44
N LEU C 110 -24.24 -23.50 -20.89
CA LEU C 110 -23.92 -24.72 -20.16
C LEU C 110 -23.67 -26.02 -20.95
N LYS C 111 -23.03 -26.96 -20.26
CA LYS C 111 -22.69 -28.30 -20.78
C LYS C 111 -21.54 -28.31 -21.77
N ILE C 123 -35.32 -17.45 -12.61
CA ILE C 123 -35.71 -16.07 -12.87
C ILE C 123 -36.00 -15.92 -14.36
N SER C 124 -36.34 -14.72 -14.79
CA SER C 124 -36.63 -14.46 -16.20
C SER C 124 -36.28 -13.02 -16.56
N LEU C 125 -35.90 -12.80 -17.81
CA LEU C 125 -35.55 -11.46 -18.26
C LEU C 125 -36.68 -10.49 -17.95
N PRO C 126 -36.37 -9.21 -17.77
CA PRO C 126 -37.39 -8.20 -17.48
C PRO C 126 -38.04 -7.63 -18.73
N THR C 127 -39.19 -6.99 -18.56
CA THR C 127 -39.89 -6.38 -19.67
C THR C 127 -39.91 -4.87 -19.47
N SER C 128 -39.61 -4.46 -18.24
CA SER C 128 -39.58 -3.05 -17.89
C SER C 128 -38.46 -2.73 -16.91
N CYS C 129 -37.98 -1.49 -16.96
CA CYS C 129 -36.93 -1.02 -16.08
C CYS C 129 -37.55 -0.68 -14.72
N ALA C 130 -37.00 -1.24 -13.65
CA ALA C 130 -37.51 -0.96 -12.30
C ALA C 130 -37.34 0.52 -11.98
N SER C 131 -38.15 1.04 -11.07
CA SER C 131 -38.06 2.45 -10.71
C SER C 131 -37.97 2.64 -9.20
N ALA C 132 -37.51 3.82 -8.80
CA ALA C 132 -37.37 4.15 -7.38
C ALA C 132 -38.56 3.64 -6.57
N GLY C 133 -38.27 3.10 -5.40
CA GLY C 133 -39.33 2.61 -4.54
C GLY C 133 -39.70 1.15 -4.75
N THR C 134 -39.66 0.68 -5.99
CA THR C 134 -40.01 -0.71 -6.28
C THR C 134 -39.39 -1.66 -5.26
N GLN C 135 -40.09 -2.75 -4.98
CA GLN C 135 -39.66 -3.76 -4.00
C GLN C 135 -38.27 -4.37 -4.24
N CYS C 136 -38.26 -5.66 -4.56
CA CYS C 136 -37.11 -6.49 -4.86
C CYS C 136 -36.45 -7.23 -3.70
N LEU C 137 -35.62 -8.21 -4.05
CA LEU C 137 -34.91 -9.03 -3.09
C LEU C 137 -33.52 -9.40 -3.59
N ILE C 138 -32.83 -10.26 -2.84
CA ILE C 138 -31.48 -10.67 -3.21
C ILE C 138 -31.18 -12.10 -2.81
N CYS C 157 -33.76 -13.57 0.73
CA CYS C 157 -32.93 -13.07 1.81
C CYS C 157 -32.60 -11.58 1.63
N LEU C 158 -32.93 -10.80 2.65
CA LEU C 158 -32.67 -9.35 2.64
C LEU C 158 -33.24 -8.60 1.44
N LYS C 159 -34.34 -7.88 1.66
CA LYS C 159 -34.96 -7.11 0.59
C LYS C 159 -34.27 -5.75 0.50
N ALA C 160 -34.25 -5.18 -0.71
CA ALA C 160 -33.62 -3.88 -0.91
C ALA C 160 -34.35 -3.05 -1.96
N PRO C 161 -34.59 -1.76 -1.67
CA PRO C 161 -35.28 -0.82 -2.56
C PRO C 161 -34.38 -0.10 -3.57
N ILE C 162 -34.94 0.25 -4.73
CA ILE C 162 -34.18 0.96 -5.77
C ILE C 162 -34.11 2.44 -5.43
N LEU C 163 -32.90 2.93 -5.15
CA LEU C 163 -32.72 4.33 -4.84
C LEU C 163 -32.80 5.15 -6.11
N SER C 164 -33.02 6.46 -5.98
CA SER C 164 -33.10 7.33 -7.14
C SER C 164 -31.72 7.54 -7.73
N ASP C 165 -31.67 7.97 -8.99
CA ASP C 165 -30.39 8.21 -9.64
C ASP C 165 -29.63 9.32 -8.95
N SER C 166 -30.37 10.30 -8.44
CA SER C 166 -29.77 11.42 -7.75
C SER C 166 -28.88 10.92 -6.62
N SER C 167 -29.49 10.18 -5.69
CA SER C 167 -28.79 9.62 -4.55
C SER C 167 -27.60 8.79 -5.01
N CYS C 168 -27.89 7.84 -5.91
CA CYS C 168 -26.88 6.96 -6.46
C CYS C 168 -25.68 7.77 -6.98
N LYS C 169 -25.91 8.56 -8.03
CA LYS C 169 -24.85 9.36 -8.61
C LYS C 169 -24.01 10.11 -7.56
N SER C 170 -24.62 10.51 -6.46
CA SER C 170 -23.91 11.25 -5.41
C SER C 170 -23.74 10.46 -4.13
N ALA C 171 -22.98 9.37 -4.20
CA ALA C 171 -22.71 8.50 -3.07
C ALA C 171 -21.54 7.67 -3.54
N TYR C 172 -21.39 7.67 -4.86
CA TYR C 172 -20.33 6.98 -5.57
C TYR C 172 -20.05 7.89 -6.75
N PRO C 173 -19.82 9.19 -6.48
CA PRO C 173 -19.54 10.16 -7.56
C PRO C 173 -18.47 9.72 -8.56
N GLY C 174 -18.73 10.01 -9.83
CA GLY C 174 -17.81 9.67 -10.90
C GLY C 174 -17.71 8.20 -11.26
N GLN C 175 -18.49 7.36 -10.60
CA GLN C 175 -18.46 5.92 -10.85
C GLN C 175 -19.71 5.34 -11.49
N ILE C 176 -20.79 6.10 -11.52
CA ILE C 176 -22.06 5.61 -12.06
C ILE C 176 -22.45 6.03 -13.47
N THR C 177 -22.45 5.05 -14.38
CA THR C 177 -22.81 5.26 -15.78
C THR C 177 -24.33 5.21 -15.90
N SER C 178 -24.84 5.46 -17.10
CA SER C 178 -26.29 5.43 -17.30
C SER C 178 -26.88 4.02 -17.30
N ASN C 179 -26.02 3.01 -17.30
CA ASN C 179 -26.48 1.62 -17.29
C ASN C 179 -26.42 0.96 -15.91
N MET C 180 -26.30 1.79 -14.87
CA MET C 180 -26.23 1.31 -13.50
C MET C 180 -27.26 2.00 -12.58
N PHE C 181 -27.57 1.34 -11.47
CA PHE C 181 -28.49 1.87 -10.46
C PHE C 181 -28.12 1.33 -9.07
N CYS C 182 -28.57 2.01 -8.03
CA CYS C 182 -28.27 1.60 -6.66
C CYS C 182 -29.41 0.84 -5.99
N ALA C 183 -29.07 -0.05 -5.07
CA ALA C 183 -30.06 -0.83 -4.34
C ALA C 183 -29.53 -1.18 -2.97
N GLY C 184 -30.13 -0.58 -1.94
CA GLY C 184 -29.70 -0.81 -0.57
C GLY C 184 -30.27 0.28 0.32
N TYR C 185 -29.47 0.82 1.23
CA TYR C 185 -29.97 1.86 2.11
C TYR C 185 -29.09 3.09 2.29
N LEU C 186 -29.73 4.24 2.38
CA LEU C 186 -29.05 5.52 2.57
C LEU C 186 -28.03 5.81 1.47
N CYS C 193 -24.35 -6.31 6.18
CA CYS C 193 -23.58 -6.13 4.94
C CYS C 193 -23.87 -7.23 3.93
N GLN C 194 -22.99 -7.34 2.94
CA GLN C 194 -23.08 -8.36 1.90
C GLN C 194 -21.70 -8.51 1.29
N GLY C 195 -21.04 -7.40 1.01
CA GLY C 195 -19.68 -7.43 0.50
C GLY C 195 -19.30 -7.63 -0.95
N ASP C 196 -19.37 -6.56 -1.74
CA ASP C 196 -18.99 -6.53 -3.15
C ASP C 196 -19.30 -7.71 -4.10
N SER C 197 -19.58 -8.90 -3.58
CA SER C 197 -19.87 -10.04 -4.44
C SER C 197 -21.19 -10.70 -4.10
N GLY C 198 -22.24 -9.89 -3.96
CA GLY C 198 -23.55 -10.41 -3.61
C GLY C 198 -24.40 -10.90 -4.76
N GLY C 199 -25.62 -11.34 -4.43
CA GLY C 199 -26.54 -11.86 -5.44
C GLY C 199 -27.27 -10.78 -6.23
N PRO C 200 -28.02 -11.18 -7.26
CA PRO C 200 -28.78 -10.27 -8.13
C PRO C 200 -30.03 -9.62 -7.51
N VAL C 201 -30.46 -8.53 -8.11
CA VAL C 201 -31.65 -7.81 -7.66
C VAL C 201 -32.82 -8.34 -8.48
N VAL C 202 -33.68 -9.14 -7.84
CA VAL C 202 -34.85 -9.72 -8.51
C VAL C 202 -36.15 -9.05 -8.10
N CYS C 203 -36.62 -8.11 -8.91
CA CYS C 203 -37.86 -7.39 -8.62
C CYS C 203 -39.10 -8.05 -9.23
N SER C 204 -39.74 -8.90 -8.44
CA SER C 204 -40.96 -9.59 -8.85
C SER C 204 -40.77 -10.76 -9.81
N GLY C 205 -39.77 -11.59 -9.53
CA GLY C 205 -39.50 -12.74 -10.38
C GLY C 205 -38.75 -12.40 -11.64
N LYS C 206 -38.50 -11.12 -11.86
CA LYS C 206 -37.77 -10.67 -13.04
C LYS C 206 -36.38 -10.19 -12.62
N LEU C 207 -35.35 -10.63 -13.35
CA LEU C 207 -33.98 -10.24 -13.06
C LEU C 207 -33.81 -8.77 -13.47
N GLN C 208 -33.71 -7.88 -12.48
CA GLN C 208 -33.57 -6.45 -12.73
C GLN C 208 -32.14 -5.94 -12.66
N GLY C 209 -31.31 -6.54 -11.81
CA GLY C 209 -29.94 -6.07 -11.69
C GLY C 209 -28.87 -7.07 -11.29
N ILE C 210 -27.65 -6.82 -11.76
CA ILE C 210 -26.49 -7.64 -11.45
C ILE C 210 -25.40 -6.77 -10.84
N VAL C 211 -24.69 -7.30 -9.84
CA VAL C 211 -23.65 -6.54 -9.16
C VAL C 211 -22.45 -6.14 -10.04
N SER C 212 -22.13 -4.85 -10.05
CA SER C 212 -20.98 -4.35 -10.80
C SER C 212 -19.88 -3.89 -9.81
N TRP C 213 -20.00 -2.67 -9.26
CA TRP C 213 -19.00 -2.19 -8.30
C TRP C 213 -19.11 -2.85 -6.92
N GLY C 214 -20.30 -3.36 -6.58
CA GLY C 214 -20.45 -4.02 -5.30
C GLY C 214 -21.77 -3.86 -4.56
N SER C 215 -22.01 -4.79 -3.64
CA SER C 215 -23.21 -4.78 -2.79
C SER C 215 -22.80 -4.02 -1.53
N GLY C 216 -23.35 -2.83 -1.33
CA GLY C 216 -23.00 -2.06 -0.14
C GLY C 216 -23.18 -2.81 1.17
N CYS C 217 -23.21 -2.05 2.27
CA CYS C 217 -23.40 -2.64 3.60
C CYS C 217 -24.69 -2.14 4.22
N ALA C 218 -25.38 -3.02 4.94
CA ALA C 218 -26.61 -2.64 5.60
C ALA C 218 -26.25 -1.51 6.57
N GLN C 219 -25.08 -1.64 7.20
CA GLN C 219 -24.59 -0.62 8.13
C GLN C 219 -24.10 0.62 7.38
N LYS C 220 -25.04 1.40 6.86
CA LYS C 220 -24.72 2.61 6.12
C LYS C 220 -24.18 2.30 4.73
N PRO C 223 -25.32 1.73 -0.11
CA PRO C 223 -26.11 1.07 -1.16
C PRO C 223 -25.26 0.14 -2.01
N GLY C 224 -25.92 -0.62 -2.87
CA GLY C 224 -25.20 -1.52 -3.75
C GLY C 224 -25.26 -0.92 -5.13
N VAL C 225 -24.34 -1.29 -6.02
CA VAL C 225 -24.36 -0.77 -7.38
C VAL C 225 -24.52 -1.92 -8.35
N TYR C 226 -25.57 -1.83 -9.18
CA TYR C 226 -25.89 -2.87 -10.16
C TYR C 226 -26.00 -2.39 -11.61
N THR C 227 -25.97 -3.36 -12.52
CA THR C 227 -26.13 -3.08 -13.95
C THR C 227 -27.60 -3.31 -14.28
N LYS C 228 -28.20 -2.39 -15.03
CA LYS C 228 -29.61 -2.50 -15.40
C LYS C 228 -29.80 -3.57 -16.46
N VAL C 229 -30.11 -4.80 -16.04
CA VAL C 229 -30.33 -5.88 -17.00
C VAL C 229 -31.37 -5.40 -18.03
N CYS C 230 -32.32 -4.62 -17.55
CA CYS C 230 -33.38 -4.07 -18.39
C CYS C 230 -32.86 -3.51 -19.71
N ASN C 231 -31.64 -2.98 -19.69
CA ASN C 231 -31.04 -2.39 -20.89
C ASN C 231 -30.34 -3.35 -21.85
N TYR C 232 -30.33 -4.63 -21.53
CA TYR C 232 -29.62 -5.59 -22.39
C TYR C 232 -30.44 -6.78 -22.89
N VAL C 233 -31.74 -6.77 -22.59
CA VAL C 233 -32.62 -7.86 -23.00
C VAL C 233 -32.56 -8.13 -24.51
N SER C 234 -32.49 -7.08 -25.32
CA SER C 234 -32.42 -7.25 -26.77
C SER C 234 -31.12 -7.97 -27.19
N TRP C 235 -29.99 -7.53 -26.66
CA TRP C 235 -28.71 -8.17 -26.98
C TRP C 235 -28.71 -9.58 -26.43
N ILE C 236 -29.32 -9.78 -25.27
CA ILE C 236 -29.38 -11.10 -24.64
C ILE C 236 -30.21 -12.12 -25.44
N LYS C 237 -31.41 -11.72 -25.87
CA LYS C 237 -32.26 -12.64 -26.62
C LYS C 237 -31.64 -12.94 -27.98
N GLN C 238 -31.14 -11.90 -28.62
CA GLN C 238 -30.48 -12.05 -29.91
C GLN C 238 -29.30 -13.02 -29.82
N THR C 239 -28.51 -12.90 -28.76
CA THR C 239 -27.35 -13.77 -28.59
C THR C 239 -27.75 -15.21 -28.32
N ILE C 240 -28.81 -15.42 -27.53
CA ILE C 240 -29.25 -16.77 -27.22
C ILE C 240 -29.91 -17.41 -28.43
N ALA C 241 -30.67 -16.61 -29.18
CA ALA C 241 -31.38 -17.07 -30.36
C ALA C 241 -30.46 -17.50 -31.50
N SER C 242 -29.29 -16.88 -31.59
CA SER C 242 -28.37 -17.24 -32.66
C SER C 242 -27.17 -18.06 -32.20
N ASN C 243 -27.17 -18.52 -30.95
CA ASN C 243 -26.06 -19.32 -30.46
C ASN C 243 -26.52 -20.66 -29.91
#